data_2Z6W
#
_entry.id   2Z6W
#
_cell.length_a   38.882
_cell.length_b   69.313
_cell.length_c   112.077
_cell.angle_alpha   90.00
_cell.angle_beta   90.00
_cell.angle_gamma   90.00
#
_symmetry.space_group_name_H-M   'P 21 21 21'
#
loop_
_entity.id
_entity.type
_entity.pdbx_description
1 polymer 'PEPTIDYL-PROLYL CIS-TRANS ISOMERASE'
2 polymer 'CYCLOSPORIN A'
3 non-polymer 'CITRIC ACID'
4 water water
#
loop_
_entity_poly.entity_id
_entity_poly.type
_entity_poly.pdbx_seq_one_letter_code
_entity_poly.pdbx_strand_id
1 'polypeptide(L)'
;MGNPLVYLDVDANGKPLGRVVLELKADVVPKTAENFRALCTGEKGFGYKGSTFHRVIPSFMCQAGDFTNHNGTGGKSIYG
SRFPDENFTLKHVGPGVLSMANAGPNTNGSQFFICTIKTDWLDGKHVVFGHVIEGMDVVKKIESFGSKSGRTSKKIVITD
CGQLS
;
A,B
2 'polypeptide(L)' (DAL)(MLE)(MLE)(MVA)(BMT)(ABA)(SAR)(MLE)V(MLE)A M,N
#
# COMPACT_ATOMS: atom_id res chain seq x y z
N GLY A 2 6.11 8.67 -10.15
N GLY A 2 8.01 8.31 -11.00
CA GLY A 2 7.59 8.67 -9.93
CA GLY A 2 6.97 8.46 -9.96
C GLY A 2 7.84 9.15 -8.52
C GLY A 2 7.51 9.27 -8.80
N ASN A 3 6.78 9.23 -7.70
CA ASN A 3 6.97 9.91 -6.41
C ASN A 3 7.49 8.93 -5.34
N PRO A 4 8.26 9.45 -4.37
CA PRO A 4 8.72 8.57 -3.27
C PRO A 4 7.55 7.98 -2.45
N LEU A 5 7.83 6.83 -1.87
CA LEU A 5 6.93 6.14 -0.96
C LEU A 5 7.72 5.77 0.29
N VAL A 6 7.13 6.06 1.49
CA VAL A 6 7.76 5.75 2.76
C VAL A 6 6.77 5.02 3.64
N TYR A 7 7.31 4.43 4.72
CA TYR A 7 6.47 3.71 5.71
C TYR A 7 6.80 4.16 7.12
N LEU A 8 5.77 4.01 7.97
CA LEU A 8 5.87 4.12 9.43
C LEU A 8 5.25 2.86 10.03
N ASP A 9 6.03 2.10 10.82
CA ASP A 9 5.45 1.01 11.63
C ASP A 9 5.28 1.56 13.04
N VAL A 10 4.06 1.47 13.56
CA VAL A 10 3.72 2.18 14.78
C VAL A 10 3.24 1.18 15.87
N ASP A 11 3.76 1.37 17.09
N ASP A 11 3.62 1.45 17.11
CA ASP A 11 3.37 0.62 18.33
CA ASP A 11 3.20 0.62 18.24
C ASP A 11 2.50 1.51 19.22
C ASP A 11 2.60 1.49 19.32
N ALA A 12 1.75 0.86 20.12
CA ALA A 12 1.14 1.53 21.28
C ALA A 12 1.56 0.75 22.53
N ASN A 13 2.31 1.40 23.41
CA ASN A 13 2.86 0.69 24.59
C ASN A 13 3.51 -0.63 24.17
N GLY A 14 4.26 -0.61 23.07
CA GLY A 14 5.06 -1.74 22.66
C GLY A 14 4.33 -2.79 21.83
N LYS A 15 3.04 -2.58 21.63
N LYS A 15 3.04 -2.60 21.63
CA LYS A 15 2.18 -3.51 20.88
CA LYS A 15 2.25 -3.56 20.88
C LYS A 15 2.00 -3.00 19.43
C LYS A 15 2.07 -3.02 19.46
N PRO A 16 2.49 -3.76 18.42
CA PRO A 16 2.36 -3.24 17.05
C PRO A 16 0.91 -2.96 16.65
N LEU A 17 0.70 -1.81 16.02
CA LEU A 17 -0.58 -1.39 15.43
C LEU A 17 -0.66 -1.67 13.93
N GLY A 18 0.50 -1.81 13.28
CA GLY A 18 0.58 -1.99 11.85
C GLY A 18 1.39 -0.92 11.15
N ARG A 19 1.25 -0.90 9.83
CA ARG A 19 2.05 -0.08 8.94
C ARG A 19 1.20 1.00 8.26
N VAL A 20 1.73 2.22 8.21
CA VAL A 20 1.19 3.30 7.42
C VAL A 20 2.14 3.55 6.25
N VAL A 21 1.59 3.58 5.03
CA VAL A 21 2.39 3.85 3.80
C VAL A 21 1.95 5.19 3.26
N LEU A 22 2.94 6.09 3.08
N LEU A 22 2.93 6.05 2.94
CA LEU A 22 2.76 7.50 2.70
CA LEU A 22 2.62 7.39 2.53
C LEU A 22 3.38 7.73 1.29
C LEU A 22 3.40 7.74 1.27
N GLU A 23 2.64 8.34 0.35
CA GLU A 23 3.21 8.87 -0.88
C GLU A 23 3.62 10.31 -0.63
N LEU A 24 4.83 10.67 -1.07
CA LEU A 24 5.37 12.02 -0.93
C LEU A 24 5.32 12.69 -2.31
N LYS A 25 4.69 13.85 -2.39
CA LYS A 25 4.43 14.51 -3.65
C LYS A 25 5.64 15.38 -4.10
N ALA A 26 6.71 14.68 -4.43
CA ALA A 26 7.95 15.35 -4.86
C ALA A 26 7.80 16.08 -6.21
N ASP A 27 6.78 15.70 -6.98
CA ASP A 27 6.43 16.39 -8.23
C ASP A 27 5.93 17.80 -7.96
N VAL A 28 5.41 18.10 -6.75
CA VAL A 28 4.88 19.41 -6.41
C VAL A 28 5.76 20.15 -5.41
N VAL A 29 6.25 19.41 -4.39
CA VAL A 29 7.06 19.99 -3.32
C VAL A 29 8.31 19.12 -3.14
N PRO A 30 9.22 19.17 -4.15
CA PRO A 30 10.42 18.31 -4.06
C PRO A 30 11.26 18.50 -2.82
N LYS A 31 11.39 19.75 -2.39
N LYS A 31 11.49 19.77 -2.38
CA LYS A 31 12.31 20.01 -1.30
CA LYS A 31 12.36 19.99 -1.19
C LYS A 31 11.70 19.47 0.07
C LYS A 31 11.70 19.38 0.07
N THR A 32 10.41 19.64 0.21
CA THR A 32 9.69 19.21 1.43
C THR A 32 9.56 17.68 1.43
N ALA A 33 9.25 17.09 0.25
CA ALA A 33 9.22 15.64 0.16
C ALA A 33 10.59 15.01 0.51
N GLU A 34 11.66 15.61 -0.02
CA GLU A 34 12.99 15.06 0.23
C GLU A 34 13.35 15.07 1.71
N ASN A 35 13.00 16.15 2.43
CA ASN A 35 13.23 16.19 3.88
C ASN A 35 12.57 14.99 4.56
N PHE A 36 11.27 14.80 4.29
CA PHE A 36 10.54 13.74 4.96
C PHE A 36 11.12 12.38 4.63
N ARG A 37 11.44 12.16 3.33
CA ARG A 37 11.99 10.88 2.89
C ARG A 37 13.29 10.59 3.65
N ALA A 38 14.21 11.56 3.71
CA ALA A 38 15.48 11.36 4.36
C ALA A 38 15.32 11.19 5.87
N LEU A 39 14.34 11.86 6.47
CA LEU A 39 14.12 11.64 7.94
C LEU A 39 13.56 10.24 8.21
N CYS A 40 12.84 9.66 7.25
CA CYS A 40 12.38 8.28 7.38
C CYS A 40 13.55 7.28 7.24
N THR A 41 14.45 7.52 6.27
CA THR A 41 15.56 6.59 6.08
C THR A 41 16.67 6.75 7.10
N GLY A 42 16.76 7.91 7.78
CA GLY A 42 17.81 8.19 8.67
C GLY A 42 19.17 8.45 8.00
N GLU A 43 19.16 8.70 6.68
CA GLU A 43 20.42 8.72 5.90
C GLU A 43 21.31 9.94 6.22
N LYS A 44 20.80 10.98 6.89
CA LYS A 44 21.64 12.09 7.29
C LYS A 44 22.25 11.90 8.66
N GLY A 45 21.86 10.81 9.36
CA GLY A 45 22.38 10.53 10.69
C GLY A 45 21.39 10.75 11.84
N PHE A 46 20.15 11.04 11.49
CA PHE A 46 19.09 11.35 12.45
C PHE A 46 17.77 11.16 11.75
N GLY A 47 16.66 11.10 12.49
CA GLY A 47 15.36 11.01 11.86
C GLY A 47 14.32 10.44 12.81
N TYR A 48 13.22 10.01 12.21
CA TYR A 48 12.01 9.69 12.97
C TYR A 48 12.07 8.39 13.74
N LYS A 49 12.94 7.45 13.42
CA LYS A 49 12.81 6.12 14.03
C LYS A 49 12.93 6.23 15.56
N GLY A 50 11.95 5.63 16.26
CA GLY A 50 11.95 5.62 17.71
C GLY A 50 11.24 6.76 18.35
N SER A 51 10.82 7.78 17.59
CA SER A 51 10.10 8.92 18.08
C SER A 51 8.59 8.66 18.18
N THR A 52 7.82 9.65 18.65
CA THR A 52 6.44 9.39 19.04
C THR A 52 5.45 10.26 18.26
N PHE A 53 4.17 9.81 18.29
CA PHE A 53 3.03 10.68 18.01
C PHE A 53 2.67 11.33 19.37
N HIS A 54 3.09 12.57 19.57
CA HIS A 54 3.01 13.18 20.89
C HIS A 54 1.68 13.91 21.11
N ARG A 55 0.92 14.21 20.05
CA ARG A 55 -0.29 15.00 20.15
C ARG A 55 -1.29 14.43 19.17
N VAL A 56 -2.40 13.84 19.67
CA VAL A 56 -3.33 13.13 18.86
C VAL A 56 -4.72 13.56 19.24
N ILE A 57 -5.47 14.13 18.30
CA ILE A 57 -6.78 14.73 18.60
C ILE A 57 -7.79 14.05 17.71
N PRO A 58 -8.71 13.27 18.28
CA PRO A 58 -9.72 12.61 17.48
C PRO A 58 -10.57 13.62 16.71
N SER A 59 -10.81 13.13 15.47
N SER A 59 -10.92 13.23 15.50
CA SER A 59 -11.53 13.79 14.37
CA SER A 59 -11.68 14.07 14.61
C SER A 59 -10.80 14.98 13.81
C SER A 59 -10.87 15.27 14.12
N PHE A 60 -9.53 15.17 14.20
CA PHE A 60 -8.69 16.29 13.71
C PHE A 60 -7.44 15.72 13.01
N MET A 61 -6.45 15.33 13.79
CA MET A 61 -5.19 14.88 13.20
C MET A 61 -4.34 14.16 14.24
N CYS A 62 -3.31 13.47 13.74
CA CYS A 62 -2.29 12.85 14.54
C CYS A 62 -0.94 13.54 14.25
N GLN A 63 -0.27 14.07 15.27
CA GLN A 63 0.95 14.88 15.10
C GLN A 63 2.15 14.12 15.66
N ALA A 64 3.27 14.18 14.90
CA ALA A 64 4.47 13.45 15.23
C ALA A 64 5.70 14.22 14.72
N GLY A 65 6.85 13.60 14.85
CA GLY A 65 8.07 14.10 14.17
C GLY A 65 9.02 14.82 15.06
N ASP A 66 8.73 15.01 16.36
CA ASP A 66 9.67 15.72 17.22
C ASP A 66 10.69 14.72 17.81
N PHE A 67 11.69 14.39 16.99
CA PHE A 67 12.68 13.39 17.39
C PHE A 67 13.83 13.95 18.24
N THR A 68 13.90 15.28 18.40
CA THR A 68 14.91 15.88 19.22
C THR A 68 14.44 16.09 20.69
N ASN A 69 13.21 16.59 20.83
CA ASN A 69 12.70 16.97 22.16
C ASN A 69 11.53 16.12 22.60
N HIS A 70 10.89 15.40 21.66
CA HIS A 70 9.83 14.45 22.02
C HIS A 70 8.62 15.08 22.72
N ASN A 71 8.35 16.36 22.43
CA ASN A 71 7.29 17.03 23.14
C ASN A 71 6.58 18.12 22.38
N GLY A 72 6.93 18.34 21.10
CA GLY A 72 6.31 19.39 20.33
C GLY A 72 7.13 20.65 20.22
N THR A 73 8.18 20.80 21.05
CA THR A 73 9.00 21.97 20.96
C THR A 73 10.17 21.85 19.99
N GLY A 74 10.53 20.64 19.55
N GLY A 74 10.50 20.62 19.57
CA GLY A 74 11.74 20.47 18.76
CA GLY A 74 11.69 20.37 18.78
C GLY A 74 11.55 19.86 17.38
C GLY A 74 11.49 20.59 17.28
N GLY A 75 12.52 19.07 16.96
N GLY A 75 12.58 20.79 16.55
CA GLY A 75 12.65 18.59 15.60
CA GLY A 75 12.51 20.84 15.08
C GLY A 75 13.60 19.44 14.81
C GLY A 75 13.88 20.67 14.51
N LYS A 76 14.12 18.89 13.72
N LYS A 76 14.02 19.70 13.61
CA LYS A 76 15.01 19.62 12.82
CA LYS A 76 15.28 19.50 12.94
C LYS A 76 14.87 18.95 11.51
C LYS A 76 15.03 18.90 11.55
N SER A 77 15.16 19.73 10.47
CA SER A 77 15.08 19.23 9.12
C SER A 77 16.48 18.85 8.62
N ILE A 78 16.50 18.23 7.44
CA ILE A 78 17.81 17.95 6.81
C ILE A 78 18.50 19.23 6.33
N TYR A 79 17.79 20.36 6.30
CA TYR A 79 18.33 21.63 5.85
C TYR A 79 18.73 22.55 6.99
N GLY A 80 18.58 22.07 8.24
CA GLY A 80 18.85 22.85 9.44
C GLY A 80 17.60 22.89 10.32
N SER A 81 17.62 23.74 11.33
CA SER A 81 16.50 23.77 12.27
C SER A 81 15.17 24.05 11.57
N ARG A 82 15.18 25.02 10.63
CA ARG A 82 13.98 25.45 9.93
C ARG A 82 14.26 25.59 8.44
N PHE A 83 13.23 25.43 7.63
CA PHE A 83 13.32 25.73 6.20
C PHE A 83 12.03 26.38 5.73
N PRO A 84 12.12 27.12 4.62
CA PRO A 84 10.95 27.91 4.16
C PRO A 84 9.79 27.06 3.71
N ASP A 85 8.60 27.69 3.75
CA ASP A 85 7.43 27.12 3.10
C ASP A 85 7.65 27.05 1.57
N GLU A 86 7.65 25.84 1.02
CA GLU A 86 8.02 25.66 -0.37
C GLU A 86 6.95 26.22 -1.32
N ASN A 87 5.69 25.80 -1.10
CA ASN A 87 4.53 26.35 -1.76
C ASN A 87 3.32 25.83 -0.98
N PHE A 88 2.17 26.38 -1.32
CA PHE A 88 0.87 25.94 -0.74
C PHE A 88 -0.03 25.35 -1.80
N THR A 89 0.56 24.71 -2.81
CA THR A 89 -0.22 24.23 -3.93
C THR A 89 -1.21 23.13 -3.54
N LEU A 90 -0.73 22.13 -2.79
CA LEU A 90 -1.61 21.05 -2.33
C LEU A 90 -2.44 21.54 -1.15
N LYS A 91 -3.68 21.07 -1.11
CA LYS A 91 -4.62 21.51 -0.08
C LYS A 91 -4.98 20.39 0.89
N HIS A 92 -5.53 20.80 2.04
CA HIS A 92 -5.93 19.88 3.09
C HIS A 92 -7.35 19.41 2.74
N VAL A 93 -7.40 18.41 1.85
CA VAL A 93 -8.67 18.03 1.21
C VAL A 93 -9.50 17.02 1.99
N GLY A 94 -8.91 16.31 2.96
CA GLY A 94 -9.63 15.23 3.62
C GLY A 94 -8.74 14.43 4.52
N PRO A 95 -9.31 13.36 5.09
CA PRO A 95 -8.51 12.42 5.88
C PRO A 95 -7.37 11.85 5.01
N GLY A 96 -6.23 11.60 5.69
CA GLY A 96 -5.11 11.00 5.05
C GLY A 96 -4.06 11.99 4.51
N VAL A 97 -4.40 13.28 4.46
CA VAL A 97 -3.43 14.28 4.05
C VAL A 97 -2.27 14.31 5.03
N LEU A 98 -1.05 14.42 4.48
CA LEU A 98 0.21 14.54 5.20
C LEU A 98 0.74 15.96 5.02
N SER A 99 0.96 16.68 6.12
CA SER A 99 1.25 18.09 6.07
C SER A 99 2.27 18.47 7.15
N MET A 100 2.99 19.59 6.93
CA MET A 100 3.98 20.02 7.90
C MET A 100 3.37 20.80 9.05
N ALA A 101 3.72 20.42 10.30
CA ALA A 101 3.48 21.30 11.44
C ALA A 101 4.47 22.49 11.36
N ASN A 102 4.18 23.59 12.04
CA ASN A 102 5.14 24.68 12.04
C ASN A 102 4.89 25.57 13.25
N ALA A 103 5.63 26.67 13.36
CA ALA A 103 5.39 27.67 14.41
C ALA A 103 5.34 29.05 13.74
N GLY A 104 4.55 29.12 12.65
CA GLY A 104 4.41 30.33 11.88
C GLY A 104 5.14 30.21 10.53
N PRO A 105 5.18 31.29 9.76
CA PRO A 105 5.75 31.20 8.41
C PRO A 105 7.19 30.78 8.40
N ASN A 106 7.52 29.92 7.41
CA ASN A 106 8.93 29.54 7.17
C ASN A 106 9.62 28.96 8.37
N THR A 107 8.91 28.05 9.08
CA THR A 107 9.48 27.42 10.25
C THR A 107 9.29 25.87 10.18
N ASN A 108 9.29 25.31 8.98
CA ASN A 108 9.22 23.85 8.83
C ASN A 108 10.47 23.21 9.41
N GLY A 109 10.29 22.09 10.13
CA GLY A 109 11.43 21.37 10.67
C GLY A 109 11.27 19.91 10.34
N SER A 110 10.86 19.15 11.37
CA SER A 110 10.59 17.71 11.19
C SER A 110 9.16 17.35 11.57
N GLN A 111 8.47 18.15 12.40
CA GLN A 111 7.15 17.74 12.82
C GLN A 111 6.14 17.81 11.67
N PHE A 112 5.20 16.84 11.72
CA PHE A 112 4.22 16.65 10.67
C PHE A 112 2.91 16.20 11.29
N PHE A 113 1.86 16.16 10.48
CA PHE A 113 0.60 15.60 10.94
C PHE A 113 -0.06 14.83 9.78
N ILE A 114 -0.83 13.81 10.20
CA ILE A 114 -1.69 13.06 9.31
C ILE A 114 -3.13 13.40 9.70
N CYS A 115 -3.89 13.96 8.75
CA CYS A 115 -5.24 14.41 9.02
C CYS A 115 -6.20 13.23 9.12
N THR A 116 -7.20 13.41 10.03
CA THR A 116 -8.30 12.46 10.09
C THR A 116 -9.66 13.12 9.72
N ILE A 117 -9.57 14.27 9.05
N ILE A 117 -9.59 14.38 9.26
CA ILE A 117 -10.70 15.00 8.54
CA ILE A 117 -10.72 15.17 8.82
C ILE A 117 -10.11 16.01 7.54
C ILE A 117 -10.16 16.13 7.75
N LYS A 118 -11.00 16.69 6.85
CA LYS A 118 -10.62 17.82 5.99
C LYS A 118 -10.27 19.03 6.89
N THR A 119 -8.98 19.46 6.87
CA THR A 119 -8.52 20.55 7.70
C THR A 119 -8.23 21.79 6.82
N ASP A 120 -9.25 22.21 6.07
CA ASP A 120 -9.03 23.23 5.04
C ASP A 120 -8.71 24.61 5.60
N TRP A 121 -8.98 24.87 6.88
CA TRP A 121 -8.55 26.13 7.47
C TRP A 121 -7.05 26.23 7.59
N LEU A 122 -6.32 25.13 7.35
CA LEU A 122 -4.86 25.16 7.38
C LEU A 122 -4.24 25.47 6.00
N ASP A 123 -5.09 25.51 4.97
CA ASP A 123 -4.61 25.79 3.61
C ASP A 123 -3.92 27.16 3.62
N GLY A 124 -2.76 27.22 2.94
CA GLY A 124 -2.01 28.45 2.87
C GLY A 124 -1.11 28.77 4.06
N LYS A 125 -1.20 27.91 5.10
N LYS A 125 -1.20 27.97 5.14
CA LYS A 125 -0.46 28.07 6.34
CA LYS A 125 -0.29 28.13 6.27
C LYS A 125 0.47 26.88 6.63
C LYS A 125 0.59 26.90 6.48
N HIS A 126 0.08 25.70 6.19
CA HIS A 126 0.87 24.47 6.32
C HIS A 126 1.09 23.87 4.96
N VAL A 127 2.34 23.47 4.71
CA VAL A 127 2.71 22.83 3.44
C VAL A 127 2.28 21.37 3.45
N VAL A 128 1.31 21.05 2.59
CA VAL A 128 0.89 19.68 2.34
C VAL A 128 1.90 19.07 1.36
N PHE A 129 2.31 17.81 1.64
CA PHE A 129 3.37 17.23 0.87
C PHE A 129 3.15 15.75 0.62
N GLY A 130 1.99 15.17 0.98
CA GLY A 130 1.78 13.77 0.63
C GLY A 130 0.45 13.31 1.15
N HIS A 131 0.23 12.00 1.10
N HIS A 131 0.25 12.00 1.12
CA HIS A 131 -1.00 11.43 1.66
CA HIS A 131 -1.03 11.39 1.50
C HIS A 131 -0.82 9.96 1.89
C HIS A 131 -0.77 9.96 1.93
N VAL A 132 -1.64 9.44 2.82
CA VAL A 132 -1.67 8.02 3.13
C VAL A 132 -2.20 7.25 1.91
N ILE A 133 -1.46 6.22 1.51
CA ILE A 133 -1.91 5.28 0.48
C ILE A 133 -2.48 4.03 1.07
N GLU A 134 -1.86 3.49 2.12
CA GLU A 134 -2.34 2.30 2.81
C GLU A 134 -2.11 2.49 4.29
N GLY A 135 -2.93 1.77 5.07
CA GLY A 135 -2.82 1.87 6.50
C GLY A 135 -3.61 2.97 7.17
N MET A 136 -4.60 3.49 6.45
N MET A 136 -4.65 3.49 6.52
CA MET A 136 -5.48 4.42 7.11
CA MET A 136 -5.55 4.41 7.25
C MET A 136 -6.14 3.75 8.34
C MET A 136 -6.15 3.71 8.47
N ASP A 137 -6.37 2.42 8.35
CA ASP A 137 -6.93 1.73 9.55
C ASP A 137 -5.96 1.84 10.72
N VAL A 138 -4.65 1.85 10.47
CA VAL A 138 -3.66 2.04 11.51
C VAL A 138 -3.71 3.48 12.04
N VAL A 139 -3.87 4.46 11.15
CA VAL A 139 -4.07 5.87 11.58
C VAL A 139 -5.28 5.96 12.50
N LYS A 140 -6.37 5.27 12.14
CA LYS A 140 -7.56 5.29 13.01
C LYS A 140 -7.26 4.66 14.39
N LYS A 141 -6.43 3.63 14.45
CA LYS A 141 -6.01 3.09 15.76
C LYS A 141 -5.20 4.13 16.55
N ILE A 142 -4.28 4.81 15.89
CA ILE A 142 -3.53 5.87 16.56
C ILE A 142 -4.50 6.92 17.14
N GLU A 143 -5.43 7.37 16.31
CA GLU A 143 -6.38 8.39 16.67
C GLU A 143 -7.15 7.98 17.95
N SER A 144 -7.46 6.69 18.08
CA SER A 144 -8.20 6.16 19.24
C SER A 144 -7.45 6.24 20.55
N PHE A 145 -6.14 6.45 20.50
CA PHE A 145 -5.33 6.63 21.68
C PHE A 145 -5.12 8.11 21.99
N GLY A 146 -5.78 9.01 21.27
CA GLY A 146 -5.68 10.43 21.63
C GLY A 146 -6.87 10.88 22.47
N SER A 147 -7.00 12.20 22.58
CA SER A 147 -8.06 12.81 23.37
C SER A 147 -8.23 14.25 22.89
N LYS A 148 -9.27 14.92 23.35
CA LYS A 148 -9.51 16.30 22.88
C LYS A 148 -8.31 17.22 23.22
N SER A 149 -7.66 17.02 24.39
CA SER A 149 -6.54 17.80 24.84
C SER A 149 -5.29 17.53 24.00
N GLY A 150 -5.30 16.42 23.21
CA GLY A 150 -4.13 16.00 22.48
C GLY A 150 -3.28 14.97 23.21
N ARG A 151 -3.45 14.87 24.55
N ARG A 151 -3.49 14.83 24.54
CA ARG A 151 -2.72 13.91 25.35
CA ARG A 151 -2.71 13.89 25.34
C ARG A 151 -3.10 12.51 24.89
C ARG A 151 -3.11 12.45 25.01
N THR A 152 -2.11 11.63 24.77
CA THR A 152 -2.35 10.25 24.44
C THR A 152 -2.47 9.37 25.71
N SER A 153 -3.24 8.30 25.56
CA SER A 153 -3.47 7.37 26.66
C SER A 153 -2.45 6.20 26.69
N LYS A 154 -1.72 6.07 25.58
N LYS A 154 -1.71 6.02 25.60
CA LYS A 154 -0.66 5.09 25.40
CA LYS A 154 -0.58 5.09 25.56
C LYS A 154 0.52 5.84 24.74
C LYS A 154 0.50 5.77 24.72
N LYS A 155 1.71 5.28 24.89
CA LYS A 155 2.88 5.83 24.24
C LYS A 155 2.90 5.28 22.80
N ILE A 156 2.74 6.18 21.80
CA ILE A 156 2.57 5.79 20.40
C ILE A 156 3.90 6.06 19.71
N VAL A 157 4.62 4.99 19.35
CA VAL A 157 5.98 5.06 18.89
C VAL A 157 6.08 4.61 17.43
N ILE A 158 6.89 5.35 16.65
CA ILE A 158 7.33 4.93 15.30
C ILE A 158 8.47 3.94 15.51
N THR A 159 8.13 2.66 15.63
N THR A 159 8.08 2.66 15.60
CA THR A 159 9.14 1.66 15.95
CA THR A 159 8.98 1.59 15.89
C THR A 159 10.06 1.40 14.76
C THR A 159 10.03 1.47 14.78
N ASP A 160 9.58 1.61 13.54
CA ASP A 160 10.43 1.53 12.37
C ASP A 160 9.90 2.48 11.34
N CYS A 161 10.77 2.92 10.41
CA CYS A 161 10.37 3.77 9.31
C CYS A 161 11.46 3.64 8.25
N GLY A 162 11.11 4.10 7.04
CA GLY A 162 12.06 4.01 5.95
C GLY A 162 11.36 4.26 4.63
N GLN A 163 12.13 4.04 3.54
N GLN A 163 12.06 3.97 3.53
CA GLN A 163 11.70 4.22 2.13
CA GLN A 163 11.43 4.15 2.23
C GLN A 163 11.23 2.84 1.61
C GLN A 163 11.23 2.82 1.55
N LEU A 164 10.23 2.84 0.70
CA LEU A 164 9.77 1.69 -0.05
C LEU A 164 9.92 1.86 -1.56
N SER A 165 10.32 3.02 -2.02
CA SER A 165 10.49 3.27 -3.44
C SER A 165 11.92 3.52 -3.82
N GLY B 2 -7.81 -4.57 -28.45
N GLY B 2 -7.17 -5.34 -28.28
CA GLY B 2 -8.41 -3.95 -27.21
CA GLY B 2 -8.19 -4.60 -27.46
C GLY B 2 -7.92 -4.68 -25.99
C GLY B 2 -8.48 -5.04 -26.04
N ASN B 3 -8.21 -4.15 -24.78
N ASN B 3 -7.54 -4.77 -25.14
CA ASN B 3 -7.79 -4.91 -23.62
CA ASN B 3 -7.56 -5.13 -23.72
C ASN B 3 -8.89 -5.67 -22.88
C ASN B 3 -8.82 -5.73 -23.14
N PRO B 4 -8.74 -6.99 -22.74
CA PRO B 4 -9.79 -7.72 -22.06
C PRO B 4 -10.10 -7.20 -20.65
N LEU B 5 -11.36 -7.37 -20.28
CA LEU B 5 -11.77 -7.26 -18.88
C LEU B 5 -12.13 -8.64 -18.39
N VAL B 6 -11.57 -9.04 -17.23
CA VAL B 6 -11.92 -10.27 -16.59
C VAL B 6 -12.37 -9.97 -15.15
N TYR B 7 -13.00 -10.95 -14.52
CA TYR B 7 -13.47 -10.77 -13.14
C TYR B 7 -13.11 -11.99 -12.32
N LEU B 8 -12.95 -11.69 -11.01
CA LEU B 8 -12.82 -12.69 -9.96
C LEU B 8 -13.94 -12.42 -8.95
N ASP B 9 -14.83 -13.41 -8.71
CA ASP B 9 -15.78 -13.35 -7.59
C ASP B 9 -15.17 -14.10 -6.43
N VAL B 10 -15.08 -13.34 -5.35
N VAL B 10 -15.15 -13.54 -5.21
CA VAL B 10 -14.37 -13.77 -4.19
CA VAL B 10 -14.54 -14.25 -4.05
C VAL B 10 -15.36 -13.90 -3.01
C VAL B 10 -15.59 -14.53 -2.95
N ASP B 11 -15.27 -15.05 -2.33
N ASP B 11 -15.41 -15.63 -2.23
CA ASP B 11 -16.18 -15.52 -1.24
CA ASP B 11 -16.29 -15.97 -1.13
C ASP B 11 -15.41 -16.09 0.00
C ASP B 11 -15.50 -16.48 0.01
N ALA B 12 -16.11 -16.36 1.17
CA ALA B 12 -15.63 -17.21 2.30
C ALA B 12 -16.84 -18.11 2.81
N ASN B 13 -16.66 -19.44 2.96
CA ASN B 13 -17.77 -20.33 3.39
C ASN B 13 -19.01 -20.18 2.46
N GLY B 14 -18.76 -19.84 1.20
CA GLY B 14 -19.82 -19.74 0.18
C GLY B 14 -20.63 -18.45 0.22
N LYS B 15 -20.21 -17.49 1.00
CA LYS B 15 -20.85 -16.23 1.07
C LYS B 15 -20.01 -15.16 0.37
N PRO B 16 -20.63 -14.41 -0.53
CA PRO B 16 -19.88 -13.50 -1.39
C PRO B 16 -19.17 -12.36 -0.63
N LEU B 17 -17.93 -12.08 -1.05
CA LEU B 17 -17.17 -10.96 -0.55
C LEU B 17 -17.17 -9.83 -1.59
N GLY B 18 -17.50 -10.15 -2.83
CA GLY B 18 -17.51 -9.13 -3.86
C GLY B 18 -16.74 -9.58 -5.12
N ARG B 19 -16.71 -8.65 -6.07
CA ARG B 19 -16.12 -8.87 -7.41
C ARG B 19 -14.97 -7.90 -7.66
N VAL B 20 -13.85 -8.45 -8.15
CA VAL B 20 -12.74 -7.64 -8.60
C VAL B 20 -12.71 -7.71 -10.15
N VAL B 21 -12.67 -6.55 -10.78
CA VAL B 21 -12.65 -6.48 -12.24
C VAL B 21 -11.28 -5.94 -12.67
N LEU B 22 -10.62 -6.70 -13.57
CA LEU B 22 -9.25 -6.46 -13.98
C LEU B 22 -9.20 -6.20 -15.48
N GLU B 23 -8.49 -5.13 -15.87
CA GLU B 23 -8.11 -4.92 -17.26
C GLU B 23 -6.76 -5.57 -17.50
N LEU B 24 -6.70 -6.40 -18.56
CA LEU B 24 -5.45 -7.09 -18.92
C LEU B 24 -4.80 -6.33 -20.09
N LYS B 25 -3.53 -6.01 -19.89
CA LYS B 25 -2.78 -5.17 -20.88
C LYS B 25 -2.22 -6.01 -22.02
N ALA B 26 -3.15 -6.55 -22.79
CA ALA B 26 -2.81 -7.33 -24.02
C ALA B 26 -2.00 -6.49 -25.02
N ASP B 27 -2.15 -5.18 -25.04
N ASP B 27 -2.15 -5.16 -24.88
CA ASP B 27 -1.32 -4.41 -25.96
CA ASP B 27 -1.44 -4.13 -25.66
C ASP B 27 0.16 -4.32 -25.54
C ASP B 27 0.06 -4.09 -25.41
N VAL B 28 0.48 -4.66 -24.30
CA VAL B 28 1.86 -4.63 -23.88
C VAL B 28 2.45 -6.03 -23.70
N VAL B 29 1.66 -6.94 -23.10
CA VAL B 29 2.12 -8.27 -22.73
C VAL B 29 1.06 -9.26 -23.20
N PRO B 30 0.92 -9.45 -24.51
CA PRO B 30 -0.17 -10.28 -24.99
C PRO B 30 -0.10 -11.74 -24.53
N LYS B 31 1.09 -12.29 -24.46
N LYS B 31 1.09 -12.38 -24.53
CA LYS B 31 1.16 -13.68 -24.13
CA LYS B 31 1.17 -13.78 -24.07
C LYS B 31 0.82 -13.90 -22.62
C LYS B 31 0.72 -13.89 -22.61
N THR B 32 1.26 -12.99 -21.78
CA THR B 32 0.98 -13.05 -20.34
C THR B 32 -0.50 -12.76 -20.05
N ALA B 33 -1.04 -11.75 -20.74
CA ALA B 33 -2.46 -11.45 -20.59
C ALA B 33 -3.33 -12.62 -21.04
N GLU B 34 -2.95 -13.29 -22.14
CA GLU B 34 -3.78 -14.39 -22.66
C GLU B 34 -3.79 -15.57 -21.67
N ASN B 35 -2.66 -15.86 -21.04
CA ASN B 35 -2.65 -16.91 -20.01
C ASN B 35 -3.68 -16.61 -18.91
N PHE B 36 -3.63 -15.38 -18.38
CA PHE B 36 -4.54 -15.04 -17.29
C PHE B 36 -5.98 -15.08 -17.76
N ARG B 37 -6.25 -14.55 -18.96
CA ARG B 37 -7.59 -14.55 -19.50
C ARG B 37 -8.12 -15.98 -19.58
N ALA B 38 -7.34 -16.87 -20.18
CA ALA B 38 -7.75 -18.25 -20.36
C ALA B 38 -7.94 -18.96 -18.98
N LEU B 39 -7.11 -18.62 -17.99
CA LEU B 39 -7.30 -19.23 -16.66
C LEU B 39 -8.60 -18.71 -15.99
N CYS B 40 -9.04 -17.51 -16.36
CA CYS B 40 -10.34 -17.02 -15.89
C CYS B 40 -11.50 -17.73 -16.57
N THR B 41 -11.41 -17.97 -17.89
CA THR B 41 -12.51 -18.65 -18.58
C THR B 41 -12.51 -20.16 -18.35
N GLY B 42 -11.34 -20.73 -17.96
CA GLY B 42 -11.24 -22.16 -17.87
C GLY B 42 -11.11 -22.93 -19.19
N GLU B 43 -10.91 -22.19 -20.27
CA GLU B 43 -11.01 -22.76 -21.59
C GLU B 43 -9.89 -23.75 -21.98
N LYS B 44 -8.88 -23.91 -21.12
N LYS B 44 -8.72 -23.70 -21.32
CA LYS B 44 -7.70 -24.77 -21.42
CA LYS B 44 -7.57 -24.59 -21.59
C LYS B 44 -7.54 -25.82 -20.35
C LYS B 44 -7.41 -25.54 -20.42
N GLY B 45 -8.63 -26.13 -19.65
N GLY B 45 -8.54 -25.83 -19.75
CA GLY B 45 -8.72 -27.34 -18.86
CA GLY B 45 -8.63 -26.81 -18.64
C GLY B 45 -8.46 -27.18 -17.37
C GLY B 45 -8.26 -26.25 -17.28
N PHE B 46 -8.13 -25.99 -16.95
N PHE B 46 -7.08 -25.66 -17.18
CA PHE B 46 -7.85 -25.70 -15.56
CA PHE B 46 -6.67 -25.05 -15.92
C PHE B 46 -7.94 -24.19 -15.48
C PHE B 46 -7.54 -23.86 -15.60
N GLY B 47 -7.81 -23.60 -14.31
CA GLY B 47 -8.17 -22.25 -14.09
C GLY B 47 -8.33 -21.87 -12.64
N TYR B 48 -8.68 -20.59 -12.45
CA TYR B 48 -8.68 -20.04 -11.11
C TYR B 48 -9.90 -20.39 -10.27
N LYS B 49 -10.96 -20.86 -10.88
CA LYS B 49 -12.12 -21.20 -10.07
C LYS B 49 -11.71 -22.23 -8.98
N GLY B 50 -12.03 -21.94 -7.72
CA GLY B 50 -11.67 -22.80 -6.60
C GLY B 50 -10.31 -22.57 -5.97
N SER B 51 -9.46 -21.72 -6.52
N SER B 51 -9.49 -21.73 -6.61
CA SER B 51 -8.22 -21.44 -5.85
CA SER B 51 -8.21 -21.26 -6.11
C SER B 51 -8.42 -20.25 -4.94
C SER B 51 -8.50 -20.34 -4.91
N THR B 52 -7.51 -20.13 -4.02
CA THR B 52 -7.69 -19.17 -2.95
C THR B 52 -6.72 -17.99 -3.07
N PHE B 53 -7.05 -16.92 -2.35
CA PHE B 53 -6.06 -15.91 -2.00
C PHE B 53 -5.32 -16.44 -0.77
N HIS B 54 -4.21 -17.12 -1.00
CA HIS B 54 -3.53 -17.88 0.03
C HIS B 54 -2.50 -17.09 0.83
N ARG B 55 -2.09 -15.91 0.33
CA ARG B 55 -1.02 -15.17 0.97
C ARG B 55 -1.37 -13.71 0.79
N VAL B 56 -1.56 -12.98 1.90
CA VAL B 56 -2.05 -11.62 1.86
C VAL B 56 -1.30 -10.84 2.93
N ILE B 57 -0.69 -9.71 2.54
CA ILE B 57 0.12 -8.92 3.43
C ILE B 57 -0.35 -7.46 3.40
N PRO B 58 -0.93 -6.96 4.50
CA PRO B 58 -1.39 -5.57 4.56
C PRO B 58 -0.27 -4.63 4.21
N SER B 59 -0.63 -3.58 3.45
N SER B 59 -0.65 -3.58 3.45
CA SER B 59 0.29 -2.57 2.99
CA SER B 59 0.23 -2.56 2.89
C SER B 59 1.20 -3.06 1.86
C SER B 59 1.28 -3.13 1.92
N PHE B 60 0.95 -4.26 1.31
CA PHE B 60 1.77 -4.82 0.26
C PHE B 60 0.94 -5.35 -0.91
N MET B 61 0.32 -6.54 -0.76
CA MET B 61 -0.34 -7.18 -1.88
C MET B 61 -1.20 -8.34 -1.40
N CYS B 62 -2.07 -8.79 -2.31
CA CYS B 62 -2.86 -10.00 -2.17
C CYS B 62 -2.47 -11.00 -3.27
N GLN B 63 -2.10 -12.23 -2.90
CA GLN B 63 -1.57 -13.24 -3.82
C GLN B 63 -2.57 -14.42 -3.91
N ALA B 64 -2.70 -14.95 -5.14
CA ALA B 64 -3.65 -16.03 -5.41
C ALA B 64 -3.18 -16.86 -6.57
N GLY B 65 -3.97 -17.89 -6.89
CA GLY B 65 -3.82 -18.56 -8.17
C GLY B 65 -3.17 -19.94 -8.15
N ASP B 66 -2.96 -20.55 -6.99
N ASP B 66 -2.87 -20.51 -6.97
CA ASP B 66 -2.38 -21.91 -6.94
CA ASP B 66 -2.44 -21.91 -6.94
C ASP B 66 -3.52 -23.01 -7.00
C ASP B 66 -3.71 -22.81 -6.99
N PHE B 67 -4.06 -23.31 -8.19
CA PHE B 67 -5.13 -24.29 -8.38
C PHE B 67 -4.63 -25.76 -8.55
N THR B 68 -3.31 -26.01 -8.54
CA THR B 68 -2.79 -27.36 -8.68
C THR B 68 -2.48 -28.05 -7.37
N ASN B 69 -1.87 -27.31 -6.43
CA ASN B 69 -1.52 -27.91 -5.14
C ASN B 69 -2.33 -27.37 -3.99
N HIS B 70 -2.99 -26.22 -4.17
CA HIS B 70 -3.81 -25.63 -3.13
C HIS B 70 -3.06 -25.41 -1.82
N ASN B 71 -1.76 -25.08 -1.88
CA ASN B 71 -0.96 -24.83 -0.66
C ASN B 71 0.00 -23.62 -0.82
N GLY B 72 -0.14 -22.92 -1.95
CA GLY B 72 0.75 -21.83 -2.34
C GLY B 72 2.07 -22.16 -3.06
N THR B 73 2.35 -23.45 -3.29
CA THR B 73 3.54 -23.87 -4.00
C THR B 73 3.35 -24.14 -5.48
N GLY B 74 2.13 -24.20 -5.99
CA GLY B 74 1.95 -24.66 -7.37
C GLY B 74 1.33 -23.73 -8.40
N GLY B 75 0.58 -24.31 -9.35
CA GLY B 75 0.00 -23.58 -10.47
C GLY B 75 0.71 -23.98 -11.76
N LYS B 76 0.05 -23.81 -12.90
N LYS B 76 0.01 -23.81 -12.89
N LYS B 76 0.15 -23.59 -12.89
CA LYS B 76 0.66 -24.07 -14.20
CA LYS B 76 0.48 -24.14 -14.24
CA LYS B 76 0.74 -23.90 -14.16
C LYS B 76 0.14 -22.96 -15.11
C LYS B 76 0.01 -23.04 -15.19
C LYS B 76 0.03 -23.04 -15.18
N SER B 77 0.74 -22.82 -16.30
CA SER B 77 0.22 -21.95 -17.32
C SER B 77 -0.42 -22.74 -18.49
N ILE B 78 -1.11 -22.01 -19.37
CA ILE B 78 -1.66 -22.60 -20.58
C ILE B 78 -0.60 -22.93 -21.61
N TYR B 79 0.66 -22.59 -21.32
CA TYR B 79 1.76 -22.86 -22.24
C TYR B 79 2.67 -23.97 -21.76
N GLY B 80 2.43 -24.50 -20.56
CA GLY B 80 3.33 -25.43 -19.90
C GLY B 80 3.49 -25.07 -18.41
N SER B 81 4.26 -25.90 -17.71
N SER B 81 4.35 -25.84 -17.74
CA SER B 81 4.42 -25.62 -16.32
CA SER B 81 4.63 -25.66 -16.32
C SER B 81 4.82 -24.17 -16.09
C SER B 81 5.22 -24.30 -15.89
N ARG B 82 5.85 -23.70 -16.82
N ARG B 82 5.86 -23.65 -16.86
CA ARG B 82 6.51 -22.40 -16.67
CA ARG B 82 6.22 -22.30 -16.72
C ARG B 82 6.61 -21.71 -18.05
C ARG B 82 6.36 -21.69 -18.09
N PHE B 83 6.51 -20.38 -18.11
CA PHE B 83 6.79 -19.67 -19.36
C PHE B 83 7.68 -18.48 -19.07
N PRO B 84 8.40 -17.98 -20.10
CA PRO B 84 9.36 -16.93 -19.87
C PRO B 84 8.73 -15.60 -19.49
N ASP B 85 9.54 -14.74 -18.87
CA ASP B 85 9.14 -13.35 -18.64
C ASP B 85 9.04 -12.67 -20.01
N GLU B 86 7.84 -12.22 -20.36
CA GLU B 86 7.60 -11.65 -21.66
C GLU B 86 8.32 -10.33 -21.83
N ASN B 87 8.11 -9.41 -20.91
CA ASN B 87 8.83 -8.16 -20.84
C ASN B 87 8.60 -7.58 -19.43
N PHE B 88 9.37 -6.55 -19.09
CA PHE B 88 9.19 -5.80 -17.86
C PHE B 88 8.82 -4.34 -18.15
N THR B 89 8.04 -4.14 -19.22
CA THR B 89 7.73 -2.77 -19.67
C THR B 89 6.88 -2.05 -18.63
N LEU B 90 5.79 -2.68 -18.18
CA LEU B 90 4.90 -2.08 -17.17
C LEU B 90 5.54 -2.20 -15.80
N LYS B 91 5.39 -1.14 -15.01
CA LYS B 91 6.01 -1.09 -13.70
C LYS B 91 4.92 -1.24 -12.61
N HIS B 92 5.41 -1.54 -11.40
CA HIS B 92 4.51 -1.71 -10.25
C HIS B 92 4.24 -0.34 -9.65
N VAL B 93 3.37 0.41 -10.34
CA VAL B 93 3.24 1.85 -10.14
C VAL B 93 2.37 2.24 -8.95
N GLY B 94 1.53 1.36 -8.41
CA GLY B 94 0.62 1.76 -7.38
C GLY B 94 -0.42 0.72 -7.10
N PRO B 95 -1.36 1.10 -6.20
CA PRO B 95 -2.47 0.22 -5.88
C PRO B 95 -3.18 -0.27 -7.12
N GLY B 96 -3.56 -1.57 -7.10
CA GLY B 96 -4.34 -2.16 -8.16
C GLY B 96 -3.54 -2.82 -9.27
N VAL B 97 -2.21 -2.68 -9.28
CA VAL B 97 -1.40 -3.36 -10.28
C VAL B 97 -1.54 -4.86 -10.15
N LEU B 98 -1.69 -5.54 -11.29
CA LEU B 98 -1.79 -6.98 -11.41
C LEU B 98 -0.50 -7.53 -12.01
N SER B 99 0.16 -8.44 -11.32
CA SER B 99 1.49 -8.88 -11.69
C SER B 99 1.66 -10.37 -11.43
N MET B 100 2.62 -11.01 -12.11
CA MET B 100 2.84 -12.43 -11.95
C MET B 100 3.76 -12.72 -10.74
N ALA B 101 3.31 -13.61 -9.86
CA ALA B 101 4.22 -14.22 -8.91
C ALA B 101 5.19 -15.13 -9.65
N ASN B 102 6.35 -15.44 -9.06
CA ASN B 102 7.23 -16.38 -9.73
C ASN B 102 8.18 -17.00 -8.72
N ALA B 103 9.14 -17.78 -9.18
CA ALA B 103 10.17 -18.35 -8.33
C ALA B 103 11.54 -18.09 -8.93
N GLY B 104 11.69 -16.87 -9.45
CA GLY B 104 12.90 -16.47 -10.12
C GLY B 104 12.63 -16.24 -11.60
N PRO B 105 13.68 -15.95 -12.37
CA PRO B 105 13.51 -15.63 -13.77
C PRO B 105 12.83 -16.76 -14.57
N ASN B 106 11.92 -16.38 -15.48
CA ASN B 106 11.32 -17.30 -16.43
C ASN B 106 10.61 -18.46 -15.79
N THR B 107 9.85 -18.19 -14.70
CA THR B 107 9.14 -19.23 -13.98
C THR B 107 7.67 -18.92 -13.81
N ASN B 108 7.09 -18.09 -14.71
CA ASN B 108 5.65 -17.75 -14.64
C ASN B 108 4.80 -18.99 -14.81
N GLY B 109 3.73 -19.07 -13.99
CA GLY B 109 2.82 -20.19 -14.07
C GLY B 109 1.40 -19.63 -14.09
N SER B 110 0.72 -19.76 -12.93
CA SER B 110 -0.62 -19.20 -12.76
C SER B 110 -0.70 -18.23 -11.60
N GLN B 111 0.21 -18.27 -10.63
CA GLN B 111 0.02 -17.43 -9.46
C GLN B 111 0.29 -15.95 -9.80
N PHE B 112 -0.46 -15.09 -9.14
CA PHE B 112 -0.48 -13.67 -9.42
C PHE B 112 -0.67 -12.90 -8.15
N PHE B 113 -0.49 -11.58 -8.23
CA PHE B 113 -0.77 -10.74 -7.08
C PHE B 113 -1.38 -9.45 -7.57
N ILE B 114 -2.17 -8.84 -6.65
CA ILE B 114 -2.70 -7.51 -6.83
C ILE B 114 -2.06 -6.62 -5.75
N CYS B 115 -1.31 -5.60 -6.21
CA CYS B 115 -0.63 -4.71 -5.31
C CYS B 115 -1.61 -3.79 -4.59
N THR B 116 -1.30 -3.41 -3.35
CA THR B 116 -2.04 -2.38 -2.69
C THR B 116 -1.24 -1.08 -2.54
N ILE B 117 0.04 -1.11 -2.90
CA ILE B 117 0.93 0.04 -2.93
C ILE B 117 1.83 -0.10 -4.16
N LYS B 118 2.54 0.97 -4.49
N LYS B 118 2.55 0.96 -4.52
CA LYS B 118 3.69 0.92 -5.40
CA LYS B 118 3.65 0.87 -5.50
C LYS B 118 4.71 -0.07 -4.85
C LYS B 118 4.76 0.00 -4.92
N THR B 119 5.19 -1.01 -5.69
CA THR B 119 6.17 -1.99 -5.24
C THR B 119 7.36 -2.03 -6.20
N ASP B 120 8.11 -0.94 -6.26
CA ASP B 120 9.10 -0.79 -7.33
C ASP B 120 10.28 -1.73 -7.25
N TRP B 121 10.52 -2.35 -6.09
CA TRP B 121 11.61 -3.28 -5.98
C TRP B 121 11.33 -4.57 -6.78
N LEU B 122 10.07 -4.75 -7.20
CA LEU B 122 9.67 -5.90 -8.03
C LEU B 122 9.79 -5.56 -9.54
N ASP B 123 10.02 -4.31 -9.87
CA ASP B 123 10.18 -3.91 -11.30
C ASP B 123 11.38 -4.65 -11.85
N GLY B 124 11.23 -5.21 -13.05
CA GLY B 124 12.32 -5.94 -13.67
C GLY B 124 12.46 -7.38 -13.18
N LYS B 125 11.62 -7.78 -12.22
N LYS B 125 11.64 -7.81 -12.21
CA LYS B 125 11.64 -9.09 -11.59
CA LYS B 125 11.66 -9.17 -11.68
C LYS B 125 10.33 -9.83 -11.87
C LYS B 125 10.31 -9.88 -11.76
N HIS B 126 9.21 -9.13 -11.80
CA HIS B 126 7.87 -9.68 -11.99
C HIS B 126 7.20 -8.97 -13.16
N VAL B 127 6.54 -9.75 -14.00
CA VAL B 127 5.86 -9.20 -15.16
C VAL B 127 4.48 -8.65 -14.76
N VAL B 128 4.34 -7.33 -14.90
CA VAL B 128 3.08 -6.63 -14.70
C VAL B 128 2.26 -6.78 -15.97
N PHE B 129 0.96 -7.09 -15.82
CA PHE B 129 0.15 -7.38 -17.02
C PHE B 129 -1.28 -6.85 -16.93
N GLY B 130 -1.61 -6.03 -15.92
CA GLY B 130 -2.97 -5.49 -15.86
C GLY B 130 -3.14 -4.62 -14.62
N HIS B 131 -4.40 -4.23 -14.39
CA HIS B 131 -4.71 -3.48 -13.20
C HIS B 131 -6.20 -3.58 -12.92
N VAL B 132 -6.54 -3.35 -11.62
CA VAL B 132 -7.92 -3.28 -11.19
C VAL B 132 -8.59 -2.03 -11.79
N ILE B 133 -9.80 -2.22 -12.32
CA ILE B 133 -10.64 -1.08 -12.74
C ILE B 133 -11.94 -0.97 -11.96
N GLU B 134 -12.35 -1.98 -11.20
CA GLU B 134 -13.52 -1.93 -10.33
C GLU B 134 -13.26 -2.92 -9.21
N GLY B 135 -13.72 -2.58 -7.99
CA GLY B 135 -13.56 -3.50 -6.89
C GLY B 135 -12.29 -3.34 -6.08
N MET B 136 -11.66 -2.18 -6.20
N MET B 136 -11.63 -2.18 -6.17
CA MET B 136 -10.53 -1.97 -5.33
CA MET B 136 -10.51 -1.94 -5.22
C MET B 136 -10.92 -2.01 -3.83
C MET B 136 -10.96 -2.12 -3.78
N ASP B 137 -12.18 -1.69 -3.49
CA ASP B 137 -12.69 -1.88 -2.11
C ASP B 137 -12.68 -3.37 -1.70
N VAL B 138 -13.01 -4.25 -2.66
CA VAL B 138 -12.99 -5.69 -2.41
C VAL B 138 -11.53 -6.15 -2.19
N VAL B 139 -10.60 -5.62 -3.01
CA VAL B 139 -9.19 -5.90 -2.79
C VAL B 139 -8.74 -5.47 -1.37
N LYS B 140 -9.11 -4.25 -0.99
N LYS B 140 -9.26 -4.33 -0.88
CA LYS B 140 -8.74 -3.78 0.36
CA LYS B 140 -8.96 -3.88 0.50
C LYS B 140 -9.41 -4.61 1.45
C LYS B 140 -9.57 -4.80 1.58
N LYS B 141 -10.59 -5.15 1.15
N LYS B 141 -10.77 -5.31 1.35
CA LYS B 141 -11.26 -6.08 2.08
CA LYS B 141 -11.34 -6.30 2.28
C LYS B 141 -10.47 -7.40 2.26
C LYS B 141 -10.38 -7.48 2.32
N ILE B 142 -10.03 -8.01 1.13
CA ILE B 142 -9.15 -9.16 1.14
C ILE B 142 -7.87 -8.82 1.91
N GLU B 143 -7.26 -7.67 1.63
CA GLU B 143 -6.05 -7.22 2.26
C GLU B 143 -6.16 -7.24 3.81
N SER B 144 -7.33 -6.82 4.30
CA SER B 144 -7.57 -6.77 5.74
C SER B 144 -7.56 -8.15 6.39
N PHE B 145 -7.73 -9.19 5.59
N PHE B 145 -7.69 -9.23 5.62
CA PHE B 145 -7.68 -10.56 6.05
CA PHE B 145 -7.59 -10.60 6.14
C PHE B 145 -6.23 -11.13 6.12
C PHE B 145 -6.20 -11.21 6.02
N GLY B 146 -5.22 -10.33 5.77
CA GLY B 146 -3.85 -10.78 5.75
C GLY B 146 -3.13 -10.52 7.10
N SER B 147 -1.82 -10.73 7.05
CA SER B 147 -0.97 -10.53 8.20
C SER B 147 0.44 -10.25 7.72
N LYS B 148 1.30 -9.77 8.59
CA LYS B 148 2.67 -9.46 8.18
C LYS B 148 3.38 -10.66 7.56
N SER B 149 3.05 -11.85 8.11
CA SER B 149 3.66 -13.07 7.64
C SER B 149 3.05 -13.56 6.30
N GLY B 150 1.87 -13.03 5.96
CA GLY B 150 1.14 -13.49 4.79
C GLY B 150 0.03 -14.52 5.06
N ARG B 151 0.02 -15.10 6.28
CA ARG B 151 -1.06 -16.03 6.65
C ARG B 151 -2.39 -15.29 6.58
N THR B 152 -3.40 -15.94 6.03
CA THR B 152 -4.68 -15.34 5.93
C THR B 152 -5.55 -15.72 7.13
N SER B 153 -6.47 -14.80 7.44
N SER B 153 -6.53 -14.90 7.36
CA SER B 153 -7.41 -14.89 8.59
CA SER B 153 -7.27 -15.03 8.59
C SER B 153 -8.52 -15.87 8.35
C SER B 153 -8.60 -15.77 8.35
N LYS B 154 -8.87 -16.11 7.09
CA LYS B 154 -9.96 -17.01 6.76
C LYS B 154 -9.70 -17.50 5.34
N LYS B 155 -10.42 -18.53 4.94
CA LYS B 155 -10.25 -19.12 3.59
C LYS B 155 -11.03 -18.29 2.59
N ILE B 156 -10.27 -17.65 1.66
N ILE B 156 -10.32 -17.55 1.74
CA ILE B 156 -10.76 -16.64 0.73
CA ILE B 156 -10.97 -16.71 0.76
C ILE B 156 -10.74 -17.28 -0.69
C ILE B 156 -10.76 -17.38 -0.61
N VAL B 157 -11.88 -17.75 -1.21
CA VAL B 157 -11.93 -18.56 -2.40
C VAL B 157 -12.38 -17.74 -3.61
N ILE B 158 -11.76 -17.99 -4.77
CA ILE B 158 -12.28 -17.47 -6.05
C ILE B 158 -13.45 -18.41 -6.45
N THR B 159 -14.66 -17.97 -6.14
CA THR B 159 -15.86 -18.74 -6.37
C THR B 159 -16.09 -19.03 -7.85
N ASP B 160 -15.81 -18.06 -8.68
N ASP B 160 -15.89 -17.95 -8.61
CA ASP B 160 -15.98 -18.20 -10.13
CA ASP B 160 -16.19 -17.88 -10.03
C ASP B 160 -15.22 -17.02 -10.70
C ASP B 160 -15.32 -16.83 -10.70
N CYS B 161 -15.10 -17.01 -12.01
CA CYS B 161 -14.27 -16.04 -12.73
C CYS B 161 -14.62 -16.17 -14.20
N GLY B 162 -14.21 -15.17 -14.99
CA GLY B 162 -14.57 -15.20 -16.40
C GLY B 162 -14.21 -13.89 -17.04
N GLN B 163 -14.75 -13.72 -18.24
CA GLN B 163 -14.42 -12.57 -19.08
C GLN B 163 -15.68 -11.74 -19.31
N LEU B 164 -15.53 -10.43 -19.15
CA LEU B 164 -16.65 -9.48 -19.32
C LEU B 164 -16.65 -8.71 -20.62
N SER B 165 -15.49 -8.52 -21.20
CA SER B 165 -15.33 -7.75 -22.44
C SER B 165 -13.91 -7.97 -23.02
N VAL C 9 1.29 25.84 21.54
CA VAL C 9 0.07 25.29 21.00
C VAL C 9 -1.05 26.31 21.25
N ALA C 11 -5.19 28.05 20.88
CA ALA C 11 -6.58 27.64 20.94
C ALA C 11 -7.13 27.25 19.56
N VAL D 9 8.74 -19.22 0.03
CA VAL D 9 8.35 -17.86 0.44
C VAL D 9 9.48 -17.32 1.31
N ALA D 11 11.79 -13.71 3.27
CA ALA D 11 11.65 -12.49 4.11
C ALA D 11 11.35 -11.25 3.37
#